data_1X06
#
_entry.id   1X06
#
_cell.length_a   58.122
_cell.length_b   58.122
_cell.length_c   118.936
_cell.angle_alpha   90.00
_cell.angle_beta   90.00
_cell.angle_gamma   120.00
#
_symmetry.space_group_name_H-M   'P 32 2 1'
#
loop_
_entity.id
_entity.type
_entity.pdbx_description
1 polymer 'Undecaprenyl pyrophosphate synthetase'
2 non-polymer 'PHOSPHATE ION'
3 non-polymer 'MAGNESIUM ION'
4 non-polymer 'S-[(2E,6E)-3,7,11-TRIMETHYLDODECA-2,6,10-TRIENYL] TRIHYDROGEN THIODIPHOSPHATE'
5 water water
#
_entity_poly.entity_id   1
_entity_poly.type   'polypeptide(L)'
_entity_poly.pdbx_seq_one_letter_code
;MMLSATQPLSEKLPAHGCRHVAIIMDGNGRWAKKQGKIRAFGHKAGAKSVRRAVSFAANNGIEALTLYAFSSENWNRPAQ
EVSALMELFVWALDSEVKSLHRHNVRLRIIGDTSRFNSRLQERIRKSEALTAGNTGLTLNIAANYGGRWDIVQGVRQLAE
KVQQGNLQPDQIDEEMLNQHVCMHELAPVDLVIRTGGEHRISNFLLWQIAYAELYFTDVLWPDFDEQDFEGALNAFANRE
RRFGGTEPGDETA
;
_entity_poly.pdbx_strand_id   A
#
# COMPACT_ATOMS: atom_id res chain seq x y z
N LYS A 12 -10.42 -16.40 -14.22
CA LYS A 12 -10.18 -14.95 -14.55
C LYS A 12 -8.74 -14.55 -14.22
N LEU A 13 -7.92 -14.57 -15.26
CA LEU A 13 -6.50 -14.26 -15.13
C LEU A 13 -6.21 -12.77 -15.08
N PRO A 14 -5.44 -12.36 -14.04
CA PRO A 14 -5.04 -10.97 -13.78
C PRO A 14 -5.18 -10.05 -14.99
N ALA A 15 -5.92 -8.97 -14.79
CA ALA A 15 -6.17 -8.01 -15.85
C ALA A 15 -4.89 -7.72 -16.60
N HIS A 16 -4.89 -8.16 -17.86
CA HIS A 16 -3.80 -8.02 -18.77
C HIS A 16 -2.55 -8.64 -18.17
N GLY A 17 -2.75 -9.66 -17.33
CA GLY A 17 -1.62 -10.35 -16.72
C GLY A 17 -0.87 -9.59 -15.66
N CYS A 18 -1.53 -8.62 -15.02
CA CYS A 18 -0.86 -7.87 -14.00
C CYS A 18 -1.20 -8.49 -12.64
N ARG A 19 -0.23 -9.06 -11.94
CA ARG A 19 -0.46 -9.75 -10.64
C ARG A 19 -0.53 -8.88 -9.37
N HIS A 20 0.34 -7.88 -9.31
CA HIS A 20 0.50 -7.06 -8.11
C HIS A 20 0.65 -5.61 -8.52
N VAL A 21 -0.34 -4.83 -8.11
CA VAL A 21 -0.36 -3.41 -8.39
C VAL A 21 -0.08 -2.62 -7.09
N ALA A 22 0.72 -1.56 -7.17
CA ALA A 22 0.95 -0.74 -5.98
C ALA A 22 0.54 0.65 -6.39
N ILE A 23 -0.06 1.41 -5.48
CA ILE A 23 -0.52 2.75 -5.84
C ILE A 23 -0.09 3.82 -4.83
N ILE A 24 0.42 4.94 -5.35
CA ILE A 24 0.77 6.12 -4.61
C ILE A 24 -0.43 7.02 -4.88
N MET A 25 -1.31 7.06 -3.89
CA MET A 25 -2.60 7.78 -3.93
C MET A 25 -2.47 9.27 -3.63
N ASP A 26 -1.79 9.99 -4.50
CA ASP A 26 -1.55 11.40 -4.25
C ASP A 26 -2.55 12.31 -4.94
N GLY A 27 -2.64 13.53 -4.42
CA GLY A 27 -3.54 14.47 -5.08
C GLY A 27 -4.78 14.85 -4.31
N ASN A 28 -4.98 14.29 -3.11
CA ASN A 28 -6.18 14.62 -2.34
C ASN A 28 -6.27 16.05 -1.88
N GLY A 29 -5.13 16.64 -1.51
CA GLY A 29 -5.13 18.01 -1.03
C GLY A 29 -5.48 18.98 -2.14
N ARG A 30 -4.87 18.78 -3.29
CA ARG A 30 -5.12 19.63 -4.42
C ARG A 30 -6.54 19.47 -4.89
N TRP A 31 -7.06 18.24 -4.85
CA TRP A 31 -8.43 18.00 -5.30
C TRP A 31 -9.41 18.79 -4.42
N ALA A 32 -9.17 18.82 -3.11
CA ALA A 32 -10.03 19.55 -2.20
C ALA A 32 -9.82 21.05 -2.35
N LYS A 33 -8.56 21.48 -2.48
CA LYS A 33 -8.24 22.89 -2.57
C LYS A 33 -8.88 23.54 -3.81
N LYS A 34 -8.88 22.82 -4.93
CA LYS A 34 -9.49 23.29 -6.17
C LYS A 34 -10.96 23.64 -5.95
N GLN A 35 -11.55 23.04 -4.92
CA GLN A 35 -12.95 23.27 -4.66
C GLN A 35 -13.13 24.18 -3.42
N GLY A 36 -12.05 24.76 -2.89
CA GLY A 36 -12.16 25.66 -1.74
C GLY A 36 -12.32 24.93 -0.42
N LYS A 37 -11.94 23.65 -0.41
CA LYS A 37 -12.08 22.86 0.81
C LYS A 37 -10.74 22.45 1.40
N ILE A 38 -10.73 22.04 2.65
CA ILE A 38 -9.49 21.65 3.31
C ILE A 38 -9.05 20.24 2.94
N ARG A 39 -7.76 19.97 3.09
CA ARG A 39 -7.20 18.68 2.74
C ARG A 39 -7.94 17.47 3.29
N ALA A 40 -8.46 17.59 4.51
CA ALA A 40 -9.11 16.46 5.14
C ALA A 40 -10.33 16.03 4.35
N PHE A 41 -10.98 17.00 3.71
CA PHE A 41 -12.16 16.73 2.87
C PHE A 41 -11.68 15.88 1.71
N GLY A 42 -10.49 16.16 1.21
CA GLY A 42 -9.96 15.39 0.10
C GLY A 42 -9.58 13.99 0.53
N HIS A 43 -9.05 13.86 1.74
CA HIS A 43 -8.65 12.53 2.24
C HIS A 43 -9.91 11.65 2.39
N LYS A 44 -11.00 12.24 2.85
CA LYS A 44 -12.24 11.47 3.00
C LYS A 44 -12.71 11.01 1.61
N ALA A 45 -12.68 11.90 0.60
CA ALA A 45 -13.08 11.45 -0.74
C ALA A 45 -12.06 10.42 -1.30
N GLY A 46 -10.82 10.47 -0.84
CA GLY A 46 -9.83 9.49 -1.27
C GLY A 46 -10.22 8.09 -0.79
N ALA A 47 -10.89 8.03 0.38
CA ALA A 47 -11.35 6.75 0.92
C ALA A 47 -12.38 6.13 -0.03
N LYS A 48 -13.19 6.96 -0.71
CA LYS A 48 -14.11 6.39 -1.68
C LYS A 48 -13.36 5.79 -2.87
N SER A 49 -12.26 6.45 -3.31
CA SER A 49 -11.46 5.92 -4.43
C SER A 49 -10.80 4.64 -4.01
N VAL A 50 -10.40 4.56 -2.73
CA VAL A 50 -9.82 3.29 -2.23
C VAL A 50 -10.87 2.17 -2.39
N ARG A 51 -12.10 2.41 -1.93
CA ARG A 51 -13.16 1.37 -2.06
C ARG A 51 -13.26 0.87 -3.50
N ARG A 52 -13.32 1.83 -4.42
CA ARG A 52 -13.44 1.60 -5.86
C ARG A 52 -12.25 0.83 -6.48
N ALA A 53 -11.04 1.17 -6.02
CA ALA A 53 -9.84 0.47 -6.55
C ALA A 53 -9.78 -0.96 -6.01
N VAL A 54 -10.16 -1.10 -4.74
CA VAL A 54 -10.14 -2.43 -4.15
C VAL A 54 -11.14 -3.34 -4.89
N SER A 55 -12.36 -2.83 -5.10
CA SER A 55 -13.39 -3.63 -5.80
C SER A 55 -12.90 -4.00 -7.18
N PHE A 56 -12.31 -3.04 -7.91
CA PHE A 56 -11.81 -3.28 -9.28
C PHE A 56 -10.72 -4.37 -9.32
N ALA A 57 -9.79 -4.30 -8.38
CA ALA A 57 -8.73 -5.29 -8.30
C ALA A 57 -9.29 -6.68 -7.98
N ALA A 58 -10.18 -6.77 -6.99
CA ALA A 58 -10.70 -8.08 -6.63
C ALA A 58 -11.57 -8.70 -7.74
N ASN A 59 -12.16 -7.87 -8.59
CA ASN A 59 -13.01 -8.35 -9.67
C ASN A 59 -12.26 -8.61 -10.98
N ASN A 60 -10.98 -8.24 -11.02
CA ASN A 60 -10.18 -8.43 -12.21
C ASN A 60 -8.99 -9.38 -12.07
N GLY A 61 -9.06 -10.24 -11.09
CA GLY A 61 -8.05 -11.27 -10.87
C GLY A 61 -6.69 -10.81 -10.32
N ILE A 62 -6.58 -9.56 -9.89
CA ILE A 62 -5.30 -9.08 -9.34
C ILE A 62 -5.07 -9.83 -8.02
N GLU A 63 -3.84 -10.31 -7.79
CA GLU A 63 -3.48 -11.08 -6.58
C GLU A 63 -3.18 -10.23 -5.34
N ALA A 64 -2.62 -9.05 -5.60
CA ALA A 64 -2.26 -8.15 -4.53
C ALA A 64 -2.38 -6.70 -4.96
N LEU A 65 -2.90 -5.88 -4.05
CA LEU A 65 -3.03 -4.44 -4.28
C LEU A 65 -2.40 -3.81 -3.00
N THR A 66 -1.39 -2.95 -3.20
CA THR A 66 -0.62 -2.32 -2.11
C THR A 66 -0.79 -0.79 -2.24
N LEU A 67 -1.33 -0.17 -1.18
CA LEU A 67 -1.69 1.25 -1.21
C LEU A 67 -0.89 2.07 -0.24
N TYR A 68 -0.27 3.15 -0.72
CA TYR A 68 0.54 4.00 0.15
C TYR A 68 -0.42 4.97 0.85
N ALA A 69 -0.84 4.60 2.04
CA ALA A 69 -1.85 5.37 2.79
C ALA A 69 -1.24 6.37 3.79
N PHE A 70 -0.06 6.07 4.32
CA PHE A 70 0.55 7.03 5.26
C PHE A 70 2.04 6.82 5.24
N SER A 71 2.75 7.75 4.63
CA SER A 71 4.18 7.68 4.56
C SER A 71 4.72 7.98 5.96
N SER A 72 5.92 7.48 6.25
CA SER A 72 6.53 7.72 7.54
C SER A 72 6.99 9.16 7.60
N GLU A 73 6.96 9.89 6.49
CA GLU A 73 7.37 11.30 6.57
C GLU A 73 6.15 12.21 6.79
N ASN A 74 4.95 11.66 6.76
CA ASN A 74 3.75 12.48 6.95
C ASN A 74 3.51 12.84 8.40
N TRP A 75 4.40 12.42 9.30
CA TRP A 75 4.20 12.77 10.72
C TRP A 75 4.45 14.26 10.94
N ASN A 76 5.14 14.88 9.98
CA ASN A 76 5.44 16.30 10.09
C ASN A 76 4.34 17.18 9.52
N ARG A 77 3.24 16.59 9.07
CA ARG A 77 2.16 17.41 8.54
C ARG A 77 1.45 18.04 9.73
N PRO A 78 0.53 18.98 9.49
CA PRO A 78 -0.23 19.65 10.58
C PRO A 78 -0.85 18.65 11.54
N ALA A 79 -0.51 18.78 12.83
CA ALA A 79 -1.04 17.91 13.88
C ALA A 79 -2.47 17.45 13.62
N GLN A 80 -3.35 18.41 13.31
CA GLN A 80 -4.77 18.17 13.03
C GLN A 80 -5.03 17.31 11.79
N GLU A 81 -4.24 17.50 10.75
CA GLU A 81 -4.43 16.71 9.55
C GLU A 81 -4.06 15.24 9.84
N VAL A 82 -3.04 15.06 10.68
CA VAL A 82 -2.53 13.74 11.06
C VAL A 82 -3.60 13.01 11.88
N SER A 83 -4.17 13.71 12.87
CA SER A 83 -5.21 13.12 13.69
C SER A 83 -6.40 12.70 12.85
N ALA A 84 -6.81 13.57 11.90
CA ALA A 84 -7.94 13.26 11.04
C ALA A 84 -7.63 12.03 10.19
N LEU A 85 -6.39 11.88 9.78
CA LEU A 85 -5.98 10.71 9.01
C LEU A 85 -6.13 9.47 9.91
N MET A 86 -5.61 9.53 11.11
CA MET A 86 -5.73 8.39 12.01
C MET A 86 -7.20 8.04 12.29
N GLU A 87 -8.06 9.03 12.45
CA GLU A 87 -9.46 8.70 12.68
C GLU A 87 -10.05 8.06 11.40
N LEU A 88 -9.64 8.54 10.23
CA LEU A 88 -10.15 7.96 8.96
C LEU A 88 -9.69 6.47 8.88
N PHE A 89 -8.46 6.21 9.28
CA PHE A 89 -7.98 4.83 9.25
C PHE A 89 -8.83 3.96 10.19
N VAL A 90 -9.07 4.47 11.38
CA VAL A 90 -9.87 3.71 12.34
C VAL A 90 -11.24 3.43 11.79
N TRP A 91 -11.81 4.46 11.23
CA TRP A 91 -13.14 4.43 10.67
C TRP A 91 -13.24 3.42 9.51
N ALA A 92 -12.21 3.38 8.68
CA ALA A 92 -12.19 2.47 7.54
C ALA A 92 -12.09 1.04 8.03
N LEU A 93 -11.30 0.79 9.06
CA LEU A 93 -11.18 -0.55 9.58
C LEU A 93 -12.55 -1.00 10.14
N ASP A 94 -13.14 -0.16 11.00
CA ASP A 94 -14.44 -0.45 11.59
C ASP A 94 -15.52 -0.67 10.57
N SER A 95 -15.46 0.09 9.48
CA SER A 95 -16.49 0.06 8.46
C SER A 95 -16.38 -0.83 7.25
N GLU A 96 -15.16 -1.20 6.86
CA GLU A 96 -15.00 -2.02 5.66
C GLU A 96 -14.57 -3.47 5.89
N VAL A 97 -14.09 -3.78 7.10
CA VAL A 97 -13.52 -5.09 7.33
C VAL A 97 -14.50 -6.22 7.08
N LYS A 98 -15.75 -6.07 7.51
CA LYS A 98 -16.73 -7.14 7.25
C LYS A 98 -16.87 -7.41 5.77
N SER A 99 -16.96 -6.36 4.96
CA SER A 99 -17.06 -6.54 3.51
C SER A 99 -15.76 -7.18 2.95
N LEU A 100 -14.59 -6.71 3.40
CA LEU A 100 -13.32 -7.32 2.91
C LEU A 100 -13.41 -8.81 3.15
N HIS A 101 -13.81 -9.18 4.37
CA HIS A 101 -13.90 -10.61 4.72
C HIS A 101 -14.89 -11.36 3.82
N ARG A 102 -16.08 -10.78 3.62
CA ARG A 102 -17.07 -11.44 2.79
C ARG A 102 -16.53 -11.59 1.39
N HIS A 103 -15.65 -10.68 0.96
CA HIS A 103 -15.11 -10.74 -0.40
C HIS A 103 -13.85 -11.58 -0.51
N ASN A 104 -13.50 -12.31 0.56
CA ASN A 104 -12.32 -13.19 0.54
C ASN A 104 -11.02 -12.44 0.36
N VAL A 105 -10.96 -11.21 0.89
CA VAL A 105 -9.74 -10.41 0.77
C VAL A 105 -8.95 -10.58 2.06
N ARG A 106 -7.64 -10.79 1.93
CA ARG A 106 -6.77 -10.97 3.11
C ARG A 106 -6.17 -9.57 3.39
N LEU A 107 -6.38 -9.02 4.56
CA LEU A 107 -5.86 -7.67 4.86
C LEU A 107 -4.54 -7.68 5.58
N ARG A 108 -3.55 -6.93 5.09
CA ARG A 108 -2.29 -6.79 5.83
C ARG A 108 -1.89 -5.29 5.91
N ILE A 109 -1.37 -4.85 7.05
CA ILE A 109 -0.87 -3.50 7.15
C ILE A 109 0.67 -3.66 7.16
N ILE A 110 1.37 -2.91 6.32
CA ILE A 110 2.82 -2.97 6.30
C ILE A 110 3.31 -1.60 6.72
N GLY A 111 4.37 -1.60 7.54
CA GLY A 111 4.93 -0.36 8.05
C GLY A 111 5.11 -0.54 9.56
N ASP A 112 5.56 0.49 10.24
CA ASP A 112 5.82 0.37 11.67
C ASP A 112 4.58 0.74 12.49
N THR A 113 3.75 -0.25 12.80
CA THR A 113 2.49 -0.04 13.52
C THR A 113 2.65 0.26 15.00
N SER A 114 3.83 -0.02 15.52
CA SER A 114 4.15 0.28 16.92
C SER A 114 4.00 1.74 17.25
N ARG A 115 4.02 2.59 16.23
CA ARG A 115 3.90 4.01 16.44
C ARG A 115 2.46 4.51 16.47
N PHE A 116 1.51 3.64 16.17
CA PHE A 116 0.10 4.06 16.18
C PHE A 116 -0.51 3.98 17.56
N ASN A 117 -1.64 4.67 17.78
CA ASN A 117 -2.35 4.60 19.06
C ASN A 117 -2.94 3.21 19.30
N SER A 118 -3.21 2.90 20.57
CA SER A 118 -3.78 1.62 20.98
C SER A 118 -5.00 1.18 20.19
N ARG A 119 -6.04 2.00 20.22
CA ARG A 119 -7.24 1.66 19.49
C ARG A 119 -6.89 1.21 18.09
N LEU A 120 -6.10 2.01 17.38
CA LEU A 120 -5.74 1.65 16.00
C LEU A 120 -4.93 0.37 15.94
N GLN A 121 -3.94 0.21 16.82
CA GLN A 121 -3.15 -1.04 16.77
C GLN A 121 -4.03 -2.29 17.00
N GLU A 122 -4.99 -2.18 17.90
CA GLU A 122 -5.85 -3.32 18.20
C GLU A 122 -6.75 -3.65 17.01
N ARG A 123 -7.30 -2.63 16.37
CA ARG A 123 -8.16 -2.85 15.21
C ARG A 123 -7.42 -3.48 14.03
N ILE A 124 -6.17 -3.07 13.84
CA ILE A 124 -5.35 -3.62 12.79
C ILE A 124 -5.13 -5.14 13.04
N ARG A 125 -4.68 -5.46 14.26
CA ARG A 125 -4.39 -6.83 14.64
C ARG A 125 -5.65 -7.68 14.51
N LYS A 126 -6.80 -7.11 14.89
CA LYS A 126 -8.08 -7.81 14.81
C LYS A 126 -8.53 -8.04 13.36
N SER A 127 -8.31 -7.02 12.54
CA SER A 127 -8.73 -7.09 11.16
C SER A 127 -7.84 -8.05 10.34
N GLU A 128 -6.54 -8.09 10.66
CA GLU A 128 -5.63 -9.01 9.97
C GLU A 128 -6.00 -10.47 10.38
N ALA A 129 -6.34 -10.66 11.66
CA ALA A 129 -6.68 -12.00 12.20
C ALA A 129 -7.91 -12.57 11.54
N LEU A 130 -8.96 -11.78 11.54
CA LEU A 130 -10.19 -12.18 10.92
C LEU A 130 -9.98 -12.60 9.44
N THR A 131 -9.13 -11.90 8.71
CA THR A 131 -9.01 -12.21 7.28
C THR A 131 -7.77 -13.00 6.94
N ALA A 132 -7.02 -13.37 7.95
CA ALA A 132 -5.77 -14.08 7.72
C ALA A 132 -5.87 -15.32 6.85
N GLY A 133 -6.98 -16.06 6.94
CA GLY A 133 -7.11 -17.26 6.12
C GLY A 133 -7.81 -17.03 4.78
N ASN A 134 -8.09 -15.76 4.40
CA ASN A 134 -8.72 -15.50 3.12
C ASN A 134 -7.71 -15.75 1.97
N THR A 135 -8.24 -16.17 0.83
CA THR A 135 -7.45 -16.57 -0.33
C THR A 135 -7.56 -15.82 -1.63
N GLY A 136 -8.31 -14.72 -1.63
CA GLY A 136 -8.49 -14.00 -2.85
C GLY A 136 -7.47 -12.89 -2.89
N LEU A 137 -7.91 -11.66 -3.15
CA LEU A 137 -7.00 -10.54 -3.19
C LEU A 137 -6.29 -10.30 -1.86
N THR A 138 -4.97 -10.06 -1.91
CA THR A 138 -4.32 -9.61 -0.68
C THR A 138 -4.23 -8.05 -0.80
N LEU A 139 -4.76 -7.36 0.20
CA LEU A 139 -4.77 -5.90 0.25
C LEU A 139 -3.77 -5.46 1.28
N ASN A 140 -2.71 -4.82 0.83
CA ASN A 140 -1.67 -4.33 1.71
C ASN A 140 -1.86 -2.82 1.85
N ILE A 141 -2.03 -2.37 3.07
CA ILE A 141 -2.17 -0.94 3.36
C ILE A 141 -0.83 -0.52 3.97
N ALA A 142 -0.04 0.28 3.26
CA ALA A 142 1.25 0.75 3.76
C ALA A 142 0.96 1.99 4.64
N ALA A 143 1.09 1.82 5.95
CA ALA A 143 0.78 2.88 6.95
C ALA A 143 1.98 3.04 7.90
N ASN A 144 2.54 4.24 7.94
CA ASN A 144 3.76 4.51 8.68
C ASN A 144 4.82 3.64 8.05
N TYR A 145 4.81 3.66 6.71
CA TYR A 145 5.71 2.86 5.91
C TYR A 145 6.71 3.73 5.13
N GLY A 146 7.92 3.19 4.97
CA GLY A 146 8.91 3.84 4.13
C GLY A 146 9.74 2.69 3.52
N GLY A 147 10.17 2.86 2.29
CA GLY A 147 10.97 1.81 1.66
C GLY A 147 12.29 1.54 2.33
N ARG A 148 12.98 2.59 2.74
CA ARG A 148 14.28 2.41 3.40
C ARG A 148 14.07 1.73 4.77
N TRP A 149 13.04 2.15 5.47
CA TRP A 149 12.73 1.54 6.77
C TRP A 149 12.51 0.03 6.59
N ASP A 150 11.77 -0.30 5.53
CA ASP A 150 11.44 -1.69 5.24
C ASP A 150 12.74 -2.51 5.07
N ILE A 151 13.64 -2.03 4.22
CA ILE A 151 14.91 -2.73 4.03
C ILE A 151 15.67 -2.83 5.37
N VAL A 152 15.70 -1.76 6.14
CA VAL A 152 16.41 -1.77 7.41
C VAL A 152 15.85 -2.81 8.39
N GLN A 153 14.53 -3.02 8.38
CA GLN A 153 13.92 -4.00 9.29
C GLN A 153 14.46 -5.39 8.93
N GLY A 154 14.58 -5.66 7.64
CA GLY A 154 15.11 -6.94 7.21
C GLY A 154 16.60 -7.06 7.61
N VAL A 155 17.31 -5.98 7.44
CA VAL A 155 18.75 -5.94 7.78
C VAL A 155 18.92 -6.25 9.27
N ARG A 156 18.07 -5.67 10.11
CA ARG A 156 18.13 -5.93 11.55
C ARG A 156 17.83 -7.42 11.79
N GLN A 157 16.89 -7.99 11.06
CA GLN A 157 16.61 -9.41 11.28
C GLN A 157 17.83 -10.29 10.99
N LEU A 158 18.59 -9.93 9.96
CA LEU A 158 19.78 -10.70 9.61
C LEU A 158 20.94 -10.34 10.55
N ALA A 159 20.98 -9.09 10.99
CA ALA A 159 22.02 -8.68 11.91
C ALA A 159 21.89 -9.58 13.18
N GLU A 160 20.67 -9.71 13.72
CA GLU A 160 20.40 -10.60 14.87
C GLU A 160 21.02 -11.97 14.61
N LYS A 161 20.58 -12.64 13.55
CA LYS A 161 21.17 -13.93 13.25
C LYS A 161 22.71 -13.90 13.29
N VAL A 162 23.31 -12.78 12.91
CA VAL A 162 24.78 -12.73 12.96
C VAL A 162 25.22 -12.66 14.45
N GLN A 163 24.53 -11.83 15.22
CA GLN A 163 24.77 -11.65 16.66
C GLN A 163 24.70 -13.02 17.35
N GLN A 164 23.67 -13.78 16.98
CA GLN A 164 23.39 -15.13 17.51
C GLN A 164 24.38 -16.20 17.06
N GLY A 165 25.24 -15.83 16.11
CA GLY A 165 26.23 -16.78 15.61
C GLY A 165 25.63 -17.75 14.62
N ASN A 166 24.39 -17.50 14.20
CA ASN A 166 23.72 -18.38 13.24
C ASN A 166 23.93 -18.01 11.77
N LEU A 167 24.66 -16.93 11.51
CA LEU A 167 24.92 -16.48 10.15
C LEU A 167 26.25 -15.73 10.00
N GLN A 168 26.95 -16.01 8.91
CA GLN A 168 28.23 -15.36 8.62
C GLN A 168 28.01 -14.17 7.66
N PRO A 169 28.66 -13.04 7.92
CA PRO A 169 28.47 -11.90 7.00
C PRO A 169 28.56 -12.26 5.51
N ASP A 170 29.50 -13.14 5.15
CA ASP A 170 29.70 -13.53 3.76
C ASP A 170 28.58 -14.37 3.16
N GLN A 171 27.64 -14.80 3.99
CA GLN A 171 26.50 -15.58 3.53
C GLN A 171 25.32 -14.69 3.08
N ILE A 172 25.31 -13.43 3.50
CA ILE A 172 24.20 -12.54 3.16
C ILE A 172 24.24 -12.17 1.68
N ASP A 173 23.17 -12.48 0.97
CA ASP A 173 23.11 -12.10 -0.44
C ASP A 173 21.73 -11.50 -0.75
N GLU A 174 21.48 -11.14 -2.00
CA GLU A 174 20.22 -10.54 -2.38
C GLU A 174 18.98 -11.37 -2.09
N GLU A 175 19.03 -12.65 -2.45
CA GLU A 175 17.91 -13.53 -2.22
C GLU A 175 17.61 -13.60 -0.74
N MET A 176 18.63 -13.72 0.09
CA MET A 176 18.38 -13.79 1.52
C MET A 176 17.73 -12.51 2.10
N LEU A 177 18.17 -11.34 1.66
CA LEU A 177 17.54 -10.12 2.19
C LEU A 177 16.16 -10.02 1.60
N ASN A 178 16.02 -10.47 0.36
CA ASN A 178 14.70 -10.42 -0.28
C ASN A 178 13.68 -11.20 0.55
N GLN A 179 14.11 -12.30 1.18
CA GLN A 179 13.13 -13.08 1.96
C GLN A 179 12.82 -12.38 3.28
N HIS A 180 13.41 -11.20 3.53
CA HIS A 180 13.14 -10.46 4.75
C HIS A 180 12.56 -9.04 4.56
N VAL A 181 12.12 -8.64 3.36
CA VAL A 181 11.48 -7.32 3.21
C VAL A 181 9.97 -7.56 3.15
N CYS A 182 9.20 -6.51 3.30
CA CYS A 182 7.76 -6.67 3.29
C CYS A 182 7.25 -7.30 2.00
N MET A 183 6.23 -8.13 2.17
CA MET A 183 5.50 -8.79 1.10
C MET A 183 6.30 -9.84 0.34
N HIS A 184 7.39 -10.35 0.94
CA HIS A 184 8.18 -11.36 0.22
C HIS A 184 7.39 -12.64 -0.09
N GLU A 185 6.27 -12.84 0.59
CA GLU A 185 5.47 -14.05 0.34
C GLU A 185 4.51 -13.91 -0.83
N LEU A 186 4.40 -12.69 -1.37
CA LEU A 186 3.49 -12.45 -2.51
C LEU A 186 4.22 -12.30 -3.87
N ALA A 187 3.46 -12.27 -4.97
CA ALA A 187 4.06 -12.07 -6.28
C ALA A 187 4.72 -10.69 -6.20
N PRO A 188 5.76 -10.46 -7.00
CA PRO A 188 6.47 -9.20 -7.01
C PRO A 188 5.59 -8.12 -7.60
N VAL A 189 5.86 -6.89 -7.21
CA VAL A 189 5.11 -5.77 -7.76
C VAL A 189 5.34 -5.63 -9.27
N ASP A 190 4.27 -5.69 -10.04
CA ASP A 190 4.36 -5.56 -11.48
C ASP A 190 4.19 -4.13 -12.00
N LEU A 191 3.35 -3.39 -11.29
CA LEU A 191 3.00 -2.08 -11.75
C LEU A 191 2.78 -1.12 -10.58
N VAL A 192 3.44 0.03 -10.65
CA VAL A 192 3.27 1.10 -9.69
C VAL A 192 2.50 2.22 -10.40
N ILE A 193 1.41 2.65 -9.80
CA ILE A 193 0.61 3.77 -10.37
C ILE A 193 0.74 4.95 -9.44
N ARG A 194 1.05 6.15 -9.94
CA ARG A 194 1.05 7.29 -9.02
C ARG A 194 0.16 8.35 -9.60
N THR A 195 -0.89 8.67 -8.85
CA THR A 195 -1.81 9.71 -9.27
C THR A 195 -1.31 11.05 -8.74
N GLY A 196 -1.90 12.16 -9.20
CA GLY A 196 -1.49 13.45 -8.68
C GLY A 196 -0.48 14.24 -9.50
N GLY A 197 0.11 13.63 -10.52
CA GLY A 197 1.03 14.41 -11.33
C GLY A 197 2.50 14.46 -11.01
N GLU A 198 2.93 14.09 -9.81
CA GLU A 198 4.38 14.12 -9.47
C GLU A 198 5.05 12.86 -9.99
N HIS A 199 6.31 12.97 -10.41
CA HIS A 199 7.01 11.82 -11.01
C HIS A 199 8.14 11.42 -10.10
N ARG A 200 7.78 10.82 -8.98
CA ARG A 200 8.74 10.43 -7.94
C ARG A 200 8.10 9.20 -7.30
N ILE A 201 8.94 8.44 -6.62
CA ILE A 201 8.54 7.20 -5.93
C ILE A 201 8.34 7.48 -4.44
N SER A 202 8.89 8.63 -4.00
CA SER A 202 8.78 9.12 -2.61
C SER A 202 8.93 8.03 -1.56
N ASN A 203 10.04 7.30 -1.61
CA ASN A 203 10.34 6.28 -0.62
C ASN A 203 9.30 5.17 -0.47
N PHE A 204 8.73 4.70 -1.61
CA PHE A 204 7.71 3.63 -1.62
C PHE A 204 8.22 2.31 -2.28
N LEU A 205 8.24 1.25 -1.52
CA LEU A 205 8.66 -0.04 -2.07
C LEU A 205 9.98 -0.07 -2.88
N LEU A 206 11.02 0.58 -2.38
CA LEU A 206 12.23 0.67 -3.19
C LEU A 206 12.81 -0.67 -3.61
N TRP A 207 13.00 -1.57 -2.65
CA TRP A 207 13.59 -2.85 -2.99
C TRP A 207 12.66 -3.57 -3.96
N GLN A 208 11.38 -3.52 -3.65
CA GLN A 208 10.40 -4.30 -4.41
C GLN A 208 10.06 -3.82 -5.80
N ILE A 209 10.39 -2.57 -6.10
CA ILE A 209 9.98 -2.06 -7.45
C ILE A 209 11.11 -2.12 -8.52
N ALA A 210 12.16 -2.87 -8.21
CA ALA A 210 13.30 -3.02 -9.09
C ALA A 210 12.98 -3.30 -10.56
N TYR A 211 11.97 -4.10 -10.81
CA TYR A 211 11.61 -4.48 -12.18
C TYR A 211 10.16 -4.12 -12.53
N ALA A 212 9.54 -3.29 -11.71
CA ALA A 212 8.13 -2.89 -11.91
C ALA A 212 7.90 -1.84 -12.99
N GLU A 213 6.78 -1.92 -13.72
CA GLU A 213 6.43 -0.82 -14.64
C GLU A 213 5.95 0.33 -13.74
N LEU A 214 6.24 1.55 -14.14
CA LEU A 214 5.85 2.74 -13.40
C LEU A 214 4.88 3.54 -14.27
N TYR A 215 3.74 3.87 -13.72
CA TYR A 215 2.74 4.60 -14.52
C TYR A 215 2.30 5.85 -13.78
N PHE A 216 2.55 7.02 -14.35
CA PHE A 216 2.20 8.27 -13.73
C PHE A 216 1.01 8.96 -14.43
N THR A 217 0.01 9.45 -13.66
CA THR A 217 -1.13 10.12 -14.24
C THR A 217 -1.41 11.41 -13.51
N ASP A 218 -1.84 12.42 -14.26
CA ASP A 218 -2.13 13.70 -13.64
C ASP A 218 -3.47 13.66 -12.93
N VAL A 219 -4.25 12.63 -13.21
CA VAL A 219 -5.57 12.47 -12.52
C VAL A 219 -5.33 12.47 -10.98
N LEU A 220 -6.18 13.18 -10.24
CA LEU A 220 -6.04 13.25 -8.78
C LEU A 220 -6.67 12.03 -8.13
N TRP A 221 -6.07 11.58 -7.04
CA TRP A 221 -6.57 10.32 -6.41
C TRP A 221 -8.10 10.22 -6.22
N PRO A 222 -8.75 11.29 -5.68
CA PRO A 222 -10.20 11.22 -5.47
C PRO A 222 -11.00 11.00 -6.75
N ASP A 223 -10.43 11.38 -7.89
CA ASP A 223 -11.11 11.21 -9.17
C ASP A 223 -10.69 9.91 -9.88
N PHE A 224 -9.70 9.18 -9.32
CA PHE A 224 -9.22 7.94 -9.97
C PHE A 224 -10.36 6.89 -10.03
N ASP A 225 -10.76 6.45 -11.22
CA ASP A 225 -11.88 5.54 -11.27
C ASP A 225 -11.55 4.25 -12.00
N GLU A 226 -12.57 3.42 -12.31
CA GLU A 226 -12.30 2.17 -12.98
C GLU A 226 -11.68 2.30 -14.36
N GLN A 227 -12.11 3.30 -15.11
CA GLN A 227 -11.58 3.56 -16.45
C GLN A 227 -10.08 3.94 -16.30
N ASP A 228 -9.75 4.74 -15.30
CA ASP A 228 -8.36 5.11 -15.09
C ASP A 228 -7.46 3.90 -14.78
N PHE A 229 -7.98 3.00 -13.97
CA PHE A 229 -7.25 1.80 -13.56
C PHE A 229 -7.09 0.90 -14.83
N GLU A 230 -8.16 0.72 -15.59
CA GLU A 230 -8.07 -0.09 -16.84
C GLU A 230 -7.00 0.50 -17.77
N GLY A 231 -6.93 1.84 -17.84
CA GLY A 231 -5.93 2.50 -18.65
C GLY A 231 -4.53 2.20 -18.19
N ALA A 232 -4.31 2.12 -16.88
CA ALA A 232 -2.97 1.78 -16.40
C ALA A 232 -2.68 0.30 -16.76
N LEU A 233 -3.71 -0.54 -16.71
CA LEU A 233 -3.52 -1.95 -17.01
C LEU A 233 -3.20 -2.15 -18.48
N ASN A 234 -3.85 -1.36 -19.32
CA ASN A 234 -3.58 -1.40 -20.77
C ASN A 234 -2.16 -0.92 -20.98
N ALA A 235 -1.72 0.04 -20.18
CA ALA A 235 -0.38 0.55 -20.36
C ALA A 235 0.61 -0.56 -20.02
N PHE A 236 0.33 -1.28 -18.97
CA PHE A 236 1.16 -2.38 -18.56
C PHE A 236 1.22 -3.48 -19.65
N ALA A 237 0.07 -3.87 -20.19
CA ALA A 237 -0.05 -4.92 -21.20
C ALA A 237 0.79 -4.61 -22.40
N ASN A 238 0.91 -3.33 -22.71
CA ASN A 238 1.74 -2.86 -23.80
C ASN A 238 3.10 -2.42 -23.25
N ARG A 239 3.61 -3.06 -22.19
CA ARG A 239 4.91 -2.64 -21.62
C ARG A 239 6.10 -2.99 -22.50
N GLU A 240 5.85 -3.25 -23.79
CA GLU A 240 6.93 -3.59 -24.70
C GLU A 240 7.90 -2.43 -24.85
#